data_7EPF
#
_entry.id   7EPF
#
_cell.length_a   58.501
_cell.length_b   86.440
_cell.length_c   99.815
_cell.angle_alpha   90.000
_cell.angle_beta   90.000
_cell.angle_gamma   90.000
#
_symmetry.space_group_name_H-M   'P 21 2 21'
#
loop_
_entity.id
_entity.type
_entity.pdbx_description
1 polymer 'Metabotropic glutamate receptor 2'
2 non-polymer 'FLAVIN MONONUCLEOTIDE'
3 non-polymer (8~{R})-4-[2,4-bis(fluoranyl)phenyl]-8-methyl-7-[(2-methylpyrazol-3-yl)methyl]-6,8-dihydro-5~{H}-1,7-naphthyridine-2-carboxamide
#
_entity_poly.entity_id   1
_entity_poly.type   'polypeptide(L)'
_entity_poly.pdbx_seq_one_letter_code
;DYKDDDGAPLPQEYIRWGDAWAVGPVTIACLGALATLFVLGVFVRHNATPVVKASGRELCYILLGGVFLCYCMTFIFIAK
PSTAVCTLRRLGLGTAFSVCYSALLTKTYRIARIFGAKALIVYGSTTGNTEYTAETIARELADAGYEVDSRDAASVEAGG
LFEGFDLVLLGCSTWGDDSIELQDDFIPLFDSLEETGAQGRKVACFGCGDSSWEYFCGAVDAIEEKLKNLGAEIVQDGLR
IDGDPRAARDDIVGWAHDVRGAIPRFISPASQVAICLALISGQLLIVVAWLVVEAPGTGKETAPERREVVTLRCNHRDAS
MLGSLAYNVLLIALCTLYAFKTRKCPENFNEAKFIGFTMYTTCIIWLAFLPIFYVTSSDYRVQTTTMCVSVSLSGSVVLG
CLFAPKLYIILFQPQKNVVSHRAPTSRFGSAAARASSSEFLEVLFQ
;
_entity_poly.pdbx_strand_id   A
#
loop_
_chem_comp.id
_chem_comp.type
_chem_comp.name
_chem_comp.formula
FMN non-polymer 'FLAVIN MONONUCLEOTIDE' 'C17 H21 N4 O9 P'
J9U non-polymer (8~{R})-4-[2,4-bis(fluoranyl)phenyl]-8-methyl-7-[(2-methylpyrazol-3-yl)methyl]-6,8-dihydro-5~{H}-1,7-naphthyridine-2-carboxamide 'C21 H21 F2 N5 O'
#
# COMPACT_ATOMS: atom_id res chain seq x y z
N GLY A 18 1.46 37.74 -29.38
CA GLY A 18 0.74 36.72 -30.13
C GLY A 18 0.85 35.33 -29.53
N ASP A 19 2.06 34.71 -29.64
CA ASP A 19 2.41 33.36 -29.18
C ASP A 19 3.71 33.33 -28.30
N ALA A 20 4.17 34.53 -27.86
CA ALA A 20 5.32 34.73 -26.97
C ALA A 20 4.96 34.22 -25.57
N TRP A 21 3.67 34.27 -25.21
CA TRP A 21 3.13 33.77 -23.93
C TRP A 21 3.34 32.25 -23.79
N ALA A 22 3.52 31.56 -24.95
CA ALA A 22 3.75 30.13 -25.01
C ALA A 22 5.25 29.75 -24.93
N VAL A 23 6.20 30.71 -24.89
CA VAL A 23 7.62 30.37 -24.80
C VAL A 23 7.95 29.68 -23.45
N GLY A 24 7.51 30.27 -22.33
CA GLY A 24 7.68 29.73 -20.99
C GLY A 24 7.10 28.33 -20.82
N PRO A 25 5.76 28.13 -21.07
CA PRO A 25 5.20 26.78 -20.95
C PRO A 25 5.87 25.74 -21.85
N VAL A 26 6.05 26.03 -23.16
CA VAL A 26 6.62 25.07 -24.13
C VAL A 26 8.07 24.67 -23.74
N THR A 27 8.89 25.62 -23.26
CA THR A 27 10.26 25.37 -22.81
C THR A 27 10.26 24.38 -21.63
N ILE A 28 9.36 24.60 -20.64
CA ILE A 28 9.19 23.76 -19.44
C ILE A 28 8.80 22.33 -19.85
N ALA A 29 7.68 22.18 -20.62
CA ALA A 29 7.16 20.91 -21.14
C ALA A 29 8.24 20.11 -21.90
N CYS A 30 9.03 20.80 -22.77
CA CYS A 30 10.14 20.21 -23.50
C CYS A 30 11.22 19.62 -22.56
N LEU A 31 11.68 20.43 -21.58
CA LEU A 31 12.70 19.99 -20.63
C LEU A 31 12.18 18.84 -19.75
N GLY A 32 10.93 18.96 -19.31
CA GLY A 32 10.23 17.93 -18.55
C GLY A 32 10.07 16.62 -19.31
N ALA A 33 9.76 16.67 -20.63
CA ALA A 33 9.62 15.46 -21.47
C ALA A 33 10.99 14.83 -21.69
N LEU A 34 12.02 15.68 -21.89
CA LEU A 34 13.42 15.24 -22.02
C LEU A 34 13.81 14.49 -20.75
N ALA A 35 13.64 15.11 -19.57
CA ALA A 35 13.94 14.55 -18.25
C ALA A 35 13.19 13.25 -17.96
N THR A 36 11.95 13.10 -18.47
CA THR A 36 11.16 11.88 -18.30
C THR A 36 11.68 10.76 -19.19
N LEU A 37 12.17 11.12 -20.38
CA LEU A 37 12.75 10.15 -21.29
C LEU A 37 14.12 9.68 -20.78
N PHE A 38 14.82 10.58 -20.07
CA PHE A 38 16.10 10.26 -19.46
C PHE A 38 15.87 9.23 -18.34
N VAL A 39 14.97 9.56 -17.38
CA VAL A 39 14.59 8.72 -16.24
C VAL A 39 14.09 7.32 -16.69
N LEU A 40 13.25 7.27 -17.75
CA LEU A 40 12.75 6.00 -18.32
C LEU A 40 13.92 5.18 -18.82
N GLY A 41 14.79 5.82 -19.60
CA GLY A 41 16.00 5.22 -20.18
C GLY A 41 16.92 4.57 -19.17
N VAL A 42 17.24 5.29 -18.08
CA VAL A 42 18.09 4.80 -16.99
C VAL A 42 17.43 3.58 -16.30
N PHE A 43 16.10 3.64 -16.11
CA PHE A 43 15.32 2.55 -15.51
C PHE A 43 15.31 1.31 -16.36
N VAL A 44 15.10 1.46 -17.68
CA VAL A 44 15.10 0.35 -18.64
C VAL A 44 16.54 -0.20 -18.76
N ARG A 45 17.58 0.67 -18.86
CA ARG A 45 18.97 0.22 -18.93
C ARG A 45 19.32 -0.69 -17.73
N HIS A 46 18.81 -0.33 -16.54
CA HIS A 46 18.99 -1.02 -15.26
C HIS A 46 17.74 -1.81 -14.81
N ASN A 47 16.87 -2.21 -15.76
CA ASN A 47 15.60 -2.91 -15.53
C ASN A 47 15.69 -4.18 -14.65
N ALA A 48 16.82 -4.89 -14.66
CA ALA A 48 16.94 -6.11 -13.86
C ALA A 48 17.62 -5.92 -12.49
N THR A 49 18.09 -4.68 -12.20
CA THR A 49 18.76 -4.35 -10.94
C THR A 49 17.75 -4.23 -9.77
N PRO A 50 18.12 -4.54 -8.50
CA PRO A 50 17.15 -4.45 -7.39
C PRO A 50 16.36 -3.14 -7.23
N VAL A 51 17.00 -1.95 -7.38
CA VAL A 51 16.32 -0.65 -7.22
C VAL A 51 15.08 -0.54 -8.13
N VAL A 52 15.21 -1.02 -9.37
CA VAL A 52 14.17 -1.00 -10.40
C VAL A 52 13.15 -2.14 -10.22
N LYS A 53 13.59 -3.32 -9.72
CA LYS A 53 12.69 -4.48 -9.54
C LYS A 53 11.89 -4.48 -8.23
N ALA A 54 12.55 -4.18 -7.09
CA ALA A 54 11.93 -4.21 -5.76
C ALA A 54 10.79 -3.21 -5.56
N SER A 55 10.89 -2.05 -6.23
CA SER A 55 9.94 -0.94 -6.15
C SER A 55 8.55 -1.20 -6.74
N GLY A 56 8.29 -2.42 -7.24
CA GLY A 56 7.04 -2.72 -7.94
C GLY A 56 7.12 -2.07 -9.31
N ARG A 57 8.11 -2.53 -10.09
CA ARG A 57 8.53 -2.11 -11.44
C ARG A 57 7.43 -1.59 -12.36
N GLU A 58 6.47 -2.45 -12.72
CA GLU A 58 5.36 -2.15 -13.65
C GLU A 58 4.65 -0.83 -13.34
N LEU A 59 4.35 -0.59 -12.05
CA LEU A 59 3.73 0.63 -11.52
C LEU A 59 4.58 1.88 -11.77
N CYS A 60 5.91 1.75 -11.61
CA CYS A 60 6.85 2.84 -11.86
C CYS A 60 6.90 3.25 -13.32
N TYR A 61 6.65 2.29 -14.25
CA TYR A 61 6.60 2.58 -15.67
C TYR A 61 5.31 3.30 -16.01
N ILE A 62 4.19 2.87 -15.39
CA ILE A 62 2.88 3.48 -15.60
C ILE A 62 2.90 4.92 -15.12
N LEU A 63 3.64 5.18 -14.03
CA LEU A 63 3.83 6.50 -13.43
C LEU A 63 4.59 7.45 -14.36
N LEU A 64 5.70 6.98 -14.97
CA LEU A 64 6.50 7.80 -15.90
C LEU A 64 5.69 8.15 -17.13
N GLY A 65 4.86 7.23 -17.60
CA GLY A 65 3.94 7.46 -18.70
C GLY A 65 2.99 8.59 -18.35
N GLY A 66 2.42 8.53 -17.15
CA GLY A 66 1.54 9.58 -16.64
C GLY A 66 2.23 10.93 -16.59
N VAL A 67 3.51 10.96 -16.03
CA VAL A 67 4.35 12.17 -15.89
C VAL A 67 4.68 12.79 -17.28
N PHE A 68 5.08 11.96 -18.25
CA PHE A 68 5.36 12.40 -19.62
C PHE A 68 4.09 13.08 -20.22
N LEU A 69 2.88 12.52 -19.92
CA LEU A 69 1.61 13.04 -20.38
C LEU A 69 1.26 14.40 -19.79
N CYS A 70 1.71 14.67 -18.56
CA CYS A 70 1.50 15.97 -17.90
C CYS A 70 2.22 17.07 -18.69
N TYR A 71 3.46 16.78 -19.13
CA TYR A 71 4.22 17.73 -19.92
C TYR A 71 3.60 17.91 -21.31
N CYS A 72 3.04 16.84 -21.89
CA CYS A 72 2.42 16.84 -23.20
C CYS A 72 1.13 17.61 -23.23
N MET A 73 0.49 17.77 -22.07
CA MET A 73 -0.74 18.54 -21.94
C MET A 73 -0.53 19.96 -22.40
N THR A 74 0.66 20.55 -22.11
CA THR A 74 1.02 21.92 -22.49
C THR A 74 0.77 22.17 -23.98
N PHE A 75 1.33 21.28 -24.83
CA PHE A 75 1.19 21.38 -26.28
C PHE A 75 -0.27 21.40 -26.72
N ILE A 76 -1.10 20.54 -26.13
CA ILE A 76 -2.54 20.43 -26.41
C ILE A 76 -3.30 21.71 -25.97
N PHE A 77 -2.86 22.39 -24.88
CA PHE A 77 -3.49 23.63 -24.43
C PHE A 77 -2.98 24.88 -25.17
N ILE A 78 -1.73 24.85 -25.65
CA ILE A 78 -1.17 25.99 -26.40
C ILE A 78 -1.62 25.90 -27.89
N ALA A 79 -2.03 24.71 -28.39
CA ALA A 79 -2.50 24.51 -29.77
C ALA A 79 -3.88 25.13 -29.99
N LYS A 80 -4.17 25.62 -31.23
CA LYS A 80 -5.45 26.26 -31.61
C LYS A 80 -6.70 25.37 -31.39
N PRO A 81 -7.71 25.84 -30.60
CA PRO A 81 -8.92 25.03 -30.38
C PRO A 81 -9.51 24.50 -31.66
N SER A 82 -9.68 23.19 -31.70
CA SER A 82 -10.24 22.40 -32.78
C SER A 82 -11.11 21.38 -32.06
N THR A 83 -12.10 20.78 -32.75
CA THR A 83 -12.96 19.74 -32.16
C THR A 83 -12.08 18.62 -31.55
N ALA A 84 -10.97 18.27 -32.25
CA ALA A 84 -10.00 17.25 -31.82
C ALA A 84 -9.19 17.75 -30.62
N VAL A 85 -8.71 19.02 -30.67
CA VAL A 85 -7.94 19.65 -29.59
C VAL A 85 -8.79 19.73 -28.32
N CYS A 86 -10.06 20.16 -28.42
CA CYS A 86 -11.02 20.22 -27.32
C CYS A 86 -11.27 18.84 -26.71
N THR A 87 -11.38 17.78 -27.58
CA THR A 87 -11.61 16.39 -27.12
C THR A 87 -10.44 16.01 -26.23
N LEU A 88 -9.22 16.12 -26.77
CA LEU A 88 -7.96 15.80 -26.13
C LEU A 88 -7.67 16.64 -24.89
N ARG A 89 -8.08 17.90 -24.86
CA ARG A 89 -7.93 18.79 -23.72
C ARG A 89 -8.72 18.23 -22.53
N ARG A 90 -10.00 17.86 -22.78
CA ARG A 90 -10.91 17.30 -21.78
C ARG A 90 -10.51 15.88 -21.42
N LEU A 91 -10.21 15.08 -22.43
CA LEU A 91 -9.77 13.70 -22.30
C LEU A 91 -8.45 13.59 -21.49
N GLY A 92 -7.38 14.20 -21.99
CA GLY A 92 -6.04 14.17 -21.44
C GLY A 92 -5.79 14.78 -20.07
N LEU A 93 -6.37 15.95 -19.77
CA LEU A 93 -6.09 16.63 -18.49
C LEU A 93 -6.40 15.78 -17.25
N GLY A 94 -7.60 15.20 -17.21
CA GLY A 94 -8.01 14.33 -16.11
C GLY A 94 -7.26 13.01 -16.07
N THR A 95 -7.11 12.36 -17.25
CA THR A 95 -6.44 11.09 -17.48
C THR A 95 -4.96 11.16 -17.09
N ALA A 96 -4.17 12.09 -17.65
CA ALA A 96 -2.75 12.26 -17.31
C ALA A 96 -2.53 12.26 -15.78
N PHE A 97 -3.32 13.06 -15.02
CA PHE A 97 -3.24 13.12 -13.55
C PHE A 97 -3.68 11.78 -12.97
N SER A 98 -4.79 11.22 -13.49
CA SER A 98 -5.35 9.92 -13.08
C SER A 98 -4.36 8.77 -13.20
N VAL A 99 -3.54 8.75 -14.27
CA VAL A 99 -2.50 7.73 -14.49
C VAL A 99 -1.43 7.88 -13.37
N CYS A 100 -0.99 9.12 -13.06
CA CYS A 100 -0.01 9.44 -11.99
C CYS A 100 -0.48 8.95 -10.63
N TYR A 101 -1.67 9.38 -10.21
CA TYR A 101 -2.18 9.12 -8.87
C TYR A 101 -2.75 7.72 -8.68
N SER A 102 -3.12 7.00 -9.76
CA SER A 102 -3.56 5.61 -9.67
C SER A 102 -2.31 4.75 -9.45
N ALA A 103 -1.22 5.09 -10.18
CA ALA A 103 0.03 4.37 -9.96
C ALA A 103 0.53 4.60 -8.53
N LEU A 104 0.44 5.84 -8.01
CA LEU A 104 0.89 6.19 -6.65
C LEU A 104 0.05 5.53 -5.56
N LEU A 105 -1.28 5.48 -5.74
CA LEU A 105 -2.23 4.82 -4.82
C LEU A 105 -1.97 3.31 -4.74
N THR A 106 -1.83 2.63 -5.92
CA THR A 106 -1.56 1.18 -5.98
C THR A 106 -0.20 0.83 -5.29
N LYS A 107 0.85 1.66 -5.51
CA LYS A 107 2.15 1.45 -4.85
C LYS A 107 1.97 1.48 -3.32
N THR A 108 1.20 2.46 -2.81
CA THR A 108 0.97 2.65 -1.39
C THR A 108 0.10 1.54 -0.82
N TYR A 109 -0.90 1.12 -1.59
CA TYR A 109 -1.80 0.02 -1.22
C TYR A 109 -0.94 -1.25 -1.02
N ARG A 110 0.00 -1.53 -1.97
CA ARG A 110 0.92 -2.68 -1.97
C ARG A 110 1.77 -2.71 -0.70
N ILE A 111 2.30 -1.55 -0.29
CA ILE A 111 3.09 -1.41 0.94
C ILE A 111 2.20 -1.68 2.17
N ALA A 112 1.00 -1.03 2.23
CA ALA A 112 0.02 -1.13 3.32
C ALA A 112 -0.50 -2.55 3.54
N ARG A 113 -0.81 -3.26 2.43
CA ARG A 113 -1.35 -4.63 2.44
C ARG A 113 -0.34 -5.60 3.06
N ILE A 114 0.95 -5.46 2.70
CA ILE A 114 2.04 -6.31 3.18
C ILE A 114 2.58 -5.89 4.57
N PHE A 115 3.18 -4.71 4.65
CA PHE A 115 3.78 -4.25 5.93
C PHE A 115 2.69 -3.73 6.84
N GLY A 116 1.48 -3.60 6.31
CA GLY A 116 0.31 -3.17 7.09
C GLY A 116 -0.03 -4.21 8.14
N ALA A 117 0.15 -5.48 7.79
CA ALA A 117 -0.50 -6.63 8.48
C ALA A 117 -0.04 -6.64 9.93
N LYS A 118 -0.97 -6.93 10.84
CA LYS A 118 -0.62 -6.91 12.27
C LYS A 118 -0.92 -8.27 12.91
N ALA A 119 0.07 -8.82 13.60
CA ALA A 119 -0.07 -10.09 14.32
C ALA A 119 0.00 -9.96 15.84
N LEU A 120 -0.79 -10.76 16.56
CA LEU A 120 -0.82 -10.77 18.03
C LEU A 120 -0.57 -12.17 18.52
N ILE A 121 0.44 -12.33 19.39
CA ILE A 121 0.75 -13.63 19.98
C ILE A 121 0.50 -13.56 21.49
N VAL A 122 -0.46 -14.38 21.97
CA VAL A 122 -0.79 -14.49 23.38
C VAL A 122 -0.48 -15.91 23.79
N TYR A 123 0.51 -16.06 24.66
CA TYR A 123 1.00 -17.34 25.15
C TYR A 123 0.71 -17.53 26.64
N GLY A 124 0.61 -18.79 27.04
CA GLY A 124 0.44 -19.20 28.43
C GLY A 124 1.53 -20.18 28.80
N SER A 125 2.50 -19.77 29.68
CA SER A 125 3.61 -20.66 30.09
C SER A 125 3.98 -20.55 31.56
N THR A 126 4.16 -21.72 32.21
CA THR A 126 4.58 -21.79 33.60
C THR A 126 6.10 -21.95 33.68
N THR A 127 6.69 -22.80 32.79
CA THR A 127 8.16 -23.02 32.83
C THR A 127 8.89 -22.30 31.65
N GLY A 128 8.14 -21.52 30.86
CA GLY A 128 8.70 -20.72 29.78
C GLY A 128 9.02 -21.43 28.47
N ASN A 129 8.54 -22.66 28.30
CA ASN A 129 8.73 -23.42 27.06
C ASN A 129 7.86 -22.85 25.94
N THR A 130 6.54 -22.66 26.20
CA THR A 130 5.55 -22.11 25.26
C THR A 130 5.89 -20.63 24.98
N GLU A 131 6.55 -19.97 25.96
CA GLU A 131 7.04 -18.60 25.84
C GLU A 131 8.18 -18.53 24.81
N TYR A 132 9.08 -19.56 24.81
CA TYR A 132 10.20 -19.68 23.87
C TYR A 132 9.65 -19.92 22.47
N THR A 133 8.67 -20.84 22.35
CA THR A 133 8.01 -21.15 21.07
C THR A 133 7.39 -19.87 20.51
N ALA A 134 6.75 -19.06 21.38
CA ALA A 134 6.12 -17.79 21.05
C ALA A 134 7.17 -16.81 20.54
N GLU A 135 8.30 -16.68 21.27
CA GLU A 135 9.43 -15.81 20.92
C GLU A 135 10.04 -16.13 19.55
N THR A 136 10.04 -17.42 19.15
CA THR A 136 10.54 -17.90 17.86
C THR A 136 9.56 -17.55 16.74
N ILE A 137 8.24 -17.75 16.97
CA ILE A 137 7.18 -17.45 16.00
C ILE A 137 7.14 -15.94 15.68
N ALA A 138 7.26 -15.09 16.73
CA ALA A 138 7.23 -13.63 16.64
C ALA A 138 8.40 -13.10 15.83
N ARG A 139 9.61 -13.66 16.03
CA ARG A 139 10.80 -13.27 15.29
C ARG A 139 10.59 -13.61 13.81
N GLU A 140 10.08 -14.83 13.52
CA GLU A 140 9.79 -15.31 12.17
C GLU A 140 8.76 -14.44 11.43
N LEU A 141 7.70 -13.99 12.13
CA LEU A 141 6.65 -13.17 11.56
C LEU A 141 7.09 -11.75 11.28
N ALA A 142 7.95 -11.17 12.15
CA ALA A 142 8.45 -9.82 11.94
C ALA A 142 9.42 -9.80 10.74
N ASP A 143 10.08 -10.96 10.52
CA ASP A 143 10.97 -11.23 9.41
C ASP A 143 10.11 -11.40 8.14
N ALA A 144 8.88 -11.94 8.29
CA ALA A 144 7.92 -12.17 7.20
C ALA A 144 7.27 -10.88 6.70
N GLY A 145 7.31 -9.82 7.52
CA GLY A 145 6.73 -8.52 7.21
C GLY A 145 5.66 -8.03 8.16
N TYR A 146 5.30 -8.87 9.15
CA TYR A 146 4.26 -8.55 10.16
C TYR A 146 4.73 -7.58 11.24
N GLU A 147 3.77 -6.83 11.81
CA GLU A 147 3.95 -5.92 12.94
C GLU A 147 3.42 -6.70 14.14
N VAL A 148 4.28 -7.57 14.69
CA VAL A 148 4.00 -8.51 15.78
C VAL A 148 3.82 -7.81 17.13
N ASP A 149 2.89 -8.35 17.94
CA ASP A 149 2.60 -7.91 19.30
C ASP A 149 2.46 -9.13 20.20
N SER A 150 3.57 -9.47 20.89
CA SER A 150 3.64 -10.62 21.80
C SER A 150 3.34 -10.20 23.23
N ARG A 151 2.46 -10.97 23.91
CA ARG A 151 2.00 -10.72 25.27
C ARG A 151 1.73 -12.02 26.03
N ASP A 152 1.95 -12.01 27.37
CA ASP A 152 1.66 -13.17 28.21
C ASP A 152 0.20 -13.09 28.69
N ALA A 153 -0.48 -14.25 28.78
CA ALA A 153 -1.89 -14.39 29.18
C ALA A 153 -2.25 -13.80 30.58
N ALA A 154 -1.24 -13.50 31.43
CA ALA A 154 -1.47 -12.89 32.74
C ALA A 154 -1.73 -11.39 32.57
N SER A 155 -1.01 -10.74 31.64
CA SER A 155 -1.10 -9.31 31.35
C SER A 155 -2.35 -8.90 30.55
N VAL A 156 -2.80 -9.78 29.65
CA VAL A 156 -3.92 -9.50 28.75
C VAL A 156 -5.29 -9.52 29.46
N GLU A 157 -6.13 -8.56 29.07
CA GLU A 157 -7.52 -8.42 29.55
C GLU A 157 -8.41 -8.92 28.42
N ALA A 158 -9.41 -9.73 28.73
CA ALA A 158 -10.24 -10.40 27.70
C ALA A 158 -10.99 -9.42 26.79
N GLY A 159 -11.55 -8.33 27.31
CA GLY A 159 -12.38 -7.47 26.45
C GLY A 159 -11.64 -6.85 25.28
N GLY A 160 -12.16 -7.05 24.07
CA GLY A 160 -11.61 -6.45 22.84
C GLY A 160 -10.12 -6.66 22.72
N LEU A 161 -9.63 -7.88 22.89
CA LEU A 161 -8.16 -8.12 22.85
C LEU A 161 -7.67 -8.40 21.43
N PHE A 162 -8.50 -8.98 20.57
CA PHE A 162 -8.07 -9.31 19.21
C PHE A 162 -8.29 -8.19 18.17
N GLU A 163 -9.20 -7.22 18.47
CA GLU A 163 -9.54 -6.09 17.59
C GLU A 163 -8.32 -5.45 16.93
N GLY A 164 -8.46 -5.15 15.64
CA GLY A 164 -7.42 -4.51 14.83
C GLY A 164 -6.20 -5.34 14.48
N PHE A 165 -6.27 -6.67 14.64
CA PHE A 165 -5.17 -7.59 14.31
C PHE A 165 -5.55 -8.47 13.12
N ASP A 166 -4.70 -8.45 12.09
CA ASP A 166 -4.89 -9.23 10.87
C ASP A 166 -4.75 -10.74 11.13
N LEU A 167 -3.86 -11.11 12.09
CA LEU A 167 -3.59 -12.49 12.48
C LEU A 167 -3.37 -12.63 14.00
N VAL A 168 -3.91 -13.69 14.61
CA VAL A 168 -3.70 -13.89 16.05
C VAL A 168 -3.30 -15.36 16.33
N LEU A 169 -2.21 -15.54 17.11
CA LEU A 169 -1.71 -16.87 17.50
C LEU A 169 -1.86 -17.05 19.01
N LEU A 170 -2.50 -18.13 19.42
CA LEU A 170 -2.72 -18.39 20.84
C LEU A 170 -1.94 -19.61 21.29
N GLY A 171 -0.99 -19.38 22.18
CA GLY A 171 -0.12 -20.42 22.74
C GLY A 171 -0.49 -20.77 24.16
N CYS A 172 -0.44 -22.05 24.51
CA CYS A 172 -0.80 -22.53 25.85
C CYS A 172 -0.28 -23.95 26.08
N SER A 173 0.14 -24.26 27.32
CA SER A 173 0.60 -25.60 27.67
C SER A 173 -0.51 -26.41 28.36
N THR A 174 -0.39 -27.73 28.36
CA THR A 174 -1.35 -28.67 28.93
C THR A 174 -0.90 -29.16 30.31
N TRP A 175 -1.86 -29.19 31.26
CA TRP A 175 -1.63 -29.60 32.64
C TRP A 175 -2.66 -30.63 33.11
N GLY A 176 -2.92 -30.67 34.41
CA GLY A 176 -3.85 -31.61 35.02
C GLY A 176 -3.22 -32.96 35.33
N ASP A 177 -3.55 -33.50 36.50
CA ASP A 177 -3.07 -34.81 36.96
C ASP A 177 -4.24 -35.82 37.07
N ASP A 178 -5.31 -35.62 36.27
CA ASP A 178 -6.52 -36.47 36.23
C ASP A 178 -7.26 -36.36 34.89
N SER A 179 -7.09 -35.22 34.19
CA SER A 179 -7.71 -34.88 32.91
C SER A 179 -6.94 -33.69 32.31
N ILE A 180 -7.37 -33.24 31.11
CA ILE A 180 -6.86 -32.08 30.38
C ILE A 180 -7.11 -30.83 31.27
N GLU A 181 -6.10 -29.98 31.40
CA GLU A 181 -6.20 -28.71 32.12
C GLU A 181 -5.35 -27.68 31.38
N LEU A 182 -5.85 -26.46 31.32
CA LEU A 182 -5.14 -25.39 30.62
C LEU A 182 -4.10 -24.77 31.56
N GLN A 183 -3.11 -24.06 31.01
CA GLN A 183 -2.10 -23.33 31.77
C GLN A 183 -2.86 -22.23 32.54
N ASP A 184 -2.47 -21.97 33.80
CA ASP A 184 -3.13 -21.08 34.76
C ASP A 184 -3.41 -19.65 34.28
N ASP A 185 -2.46 -19.00 33.58
CA ASP A 185 -2.64 -17.64 33.05
C ASP A 185 -3.69 -17.58 31.94
N PHE A 186 -3.82 -18.68 31.15
CA PHE A 186 -4.71 -18.82 30.00
C PHE A 186 -6.19 -19.17 30.30
N ILE A 187 -6.49 -19.77 31.48
CA ILE A 187 -7.87 -20.15 31.84
C ILE A 187 -8.84 -18.93 31.85
N PRO A 188 -8.52 -17.77 32.53
CA PRO A 188 -9.46 -16.62 32.49
C PRO A 188 -9.69 -16.10 31.07
N LEU A 189 -8.66 -16.19 30.20
CA LEU A 189 -8.76 -15.79 28.81
C LEU A 189 -9.68 -16.77 28.09
N PHE A 190 -9.46 -18.10 28.23
CA PHE A 190 -10.29 -19.12 27.60
C PHE A 190 -11.78 -18.99 27.93
N ASP A 191 -12.12 -18.88 29.23
CA ASP A 191 -13.51 -18.79 29.69
C ASP A 191 -14.30 -17.58 29.18
N SER A 192 -13.61 -16.45 28.91
CA SER A 192 -14.20 -15.20 28.42
C SER A 192 -13.68 -14.86 27.00
N LEU A 193 -13.50 -15.89 26.17
CA LEU A 193 -13.05 -15.76 24.80
C LEU A 193 -14.16 -15.22 23.88
N GLU A 194 -15.42 -15.20 24.33
CA GLU A 194 -16.57 -14.69 23.57
C GLU A 194 -16.43 -13.19 23.32
N GLU A 195 -15.86 -12.46 24.29
CA GLU A 195 -15.69 -11.00 24.28
C GLU A 195 -14.30 -10.54 23.82
N THR A 196 -13.67 -11.29 22.89
CA THR A 196 -12.30 -11.02 22.45
C THR A 196 -12.19 -10.49 21.00
N GLY A 197 -13.24 -10.70 20.20
CA GLY A 197 -13.27 -10.33 18.78
C GLY A 197 -12.94 -11.47 17.84
N ALA A 198 -13.04 -12.73 18.35
CA ALA A 198 -12.71 -13.98 17.65
C ALA A 198 -13.45 -14.24 16.32
N GLN A 199 -14.77 -13.97 16.25
CA GLN A 199 -15.57 -14.26 15.05
C GLN A 199 -15.05 -13.54 13.80
N GLY A 200 -14.75 -14.34 12.77
CA GLY A 200 -14.23 -13.89 11.49
C GLY A 200 -12.73 -13.70 11.46
N ARG A 201 -12.06 -13.87 12.62
CA ARG A 201 -10.63 -13.65 12.70
C ARG A 201 -9.81 -14.87 12.38
N LYS A 202 -8.74 -14.63 11.59
CA LYS A 202 -7.78 -15.61 11.14
C LYS A 202 -6.91 -15.97 12.33
N VAL A 203 -7.06 -17.21 12.83
CA VAL A 203 -6.35 -17.70 14.02
C VAL A 203 -5.56 -18.98 13.78
N ALA A 204 -4.60 -19.23 14.68
CA ALA A 204 -3.81 -20.46 14.72
C ALA A 204 -3.38 -20.69 16.18
N CYS A 205 -3.25 -21.97 16.57
CA CYS A 205 -2.89 -22.32 17.94
C CYS A 205 -1.59 -23.08 18.04
N PHE A 206 -0.90 -22.94 19.16
CA PHE A 206 0.33 -23.68 19.42
C PHE A 206 0.46 -24.00 20.90
N GLY A 207 1.39 -24.88 21.21
CA GLY A 207 1.60 -25.26 22.60
C GLY A 207 2.52 -26.43 22.79
N CYS A 208 3.00 -26.56 24.02
CA CYS A 208 3.91 -27.60 24.43
C CYS A 208 3.24 -28.59 25.36
N GLY A 209 3.56 -29.85 25.12
CA GLY A 209 3.09 -31.00 25.89
C GLY A 209 4.11 -32.11 25.93
N ASP A 210 3.71 -33.26 26.47
CA ASP A 210 4.56 -34.43 26.59
C ASP A 210 3.78 -35.66 26.17
N SER A 211 4.37 -36.46 25.25
CA SER A 211 3.78 -37.71 24.73
C SER A 211 3.64 -38.79 25.79
N SER A 212 4.26 -38.58 26.98
CA SER A 212 4.18 -39.48 28.13
C SER A 212 2.80 -39.40 28.81
N TRP A 213 2.00 -38.39 28.44
CA TRP A 213 0.64 -38.09 28.90
C TRP A 213 -0.35 -38.59 27.87
N GLU A 214 -1.49 -39.12 28.34
CA GLU A 214 -2.56 -39.62 27.48
C GLU A 214 -3.07 -38.55 26.51
N TYR A 215 -3.36 -37.34 27.02
CA TYR A 215 -3.88 -36.28 26.16
C TYR A 215 -2.78 -35.29 25.79
N PHE A 216 -1.95 -35.70 24.81
CA PHE A 216 -0.85 -34.90 24.27
C PHE A 216 -1.38 -33.62 23.63
N CYS A 217 -0.98 -32.46 24.21
CA CYS A 217 -1.39 -31.10 23.82
C CYS A 217 -2.93 -30.96 23.73
N GLY A 218 -3.59 -31.37 24.81
CA GLY A 218 -5.03 -31.29 24.99
C GLY A 218 -5.50 -29.84 25.06
N ALA A 219 -4.63 -28.94 25.58
CA ALA A 219 -4.92 -27.51 25.68
C ALA A 219 -5.16 -26.92 24.26
N VAL A 220 -4.22 -27.17 23.31
CA VAL A 220 -4.31 -26.77 21.89
C VAL A 220 -5.68 -27.18 21.29
N ASP A 221 -6.13 -28.43 21.56
CA ASP A 221 -7.42 -28.99 21.13
C ASP A 221 -8.59 -28.19 21.70
N ALA A 222 -8.57 -27.92 23.04
CA ALA A 222 -9.62 -27.18 23.76
C ALA A 222 -9.81 -25.76 23.20
N ILE A 223 -8.68 -25.03 22.96
CA ILE A 223 -8.69 -23.68 22.41
C ILE A 223 -9.16 -23.68 20.95
N GLU A 224 -8.70 -24.66 20.14
CA GLU A 224 -9.09 -24.75 18.73
C GLU A 224 -10.58 -24.97 18.57
N GLU A 225 -11.16 -25.82 19.43
CA GLU A 225 -12.57 -26.16 19.43
C GLU A 225 -13.42 -24.98 19.88
N LYS A 226 -12.97 -24.21 20.90
CA LYS A 226 -13.75 -23.05 21.35
C LYS A 226 -13.74 -21.96 20.29
N LEU A 227 -12.61 -21.77 19.60
CA LEU A 227 -12.49 -20.80 18.50
C LEU A 227 -13.38 -21.17 17.33
N LYS A 228 -13.48 -22.49 16.96
CA LYS A 228 -14.37 -22.99 15.89
C LYS A 228 -15.81 -22.60 16.17
N ASN A 229 -16.24 -22.77 17.45
CA ASN A 229 -17.57 -22.44 17.96
C ASN A 229 -17.77 -20.93 17.93
N LEU A 230 -16.72 -20.15 18.20
CA LEU A 230 -16.81 -18.70 18.21
C LEU A 230 -16.94 -18.06 16.81
N GLY A 231 -16.59 -18.82 15.78
CA GLY A 231 -16.67 -18.40 14.39
C GLY A 231 -15.38 -17.85 13.83
N ALA A 232 -14.24 -18.23 14.46
CA ALA A 232 -12.91 -17.83 14.01
C ALA A 232 -12.53 -18.67 12.81
N GLU A 233 -11.65 -18.12 11.95
CA GLU A 233 -11.11 -18.79 10.76
C GLU A 233 -9.81 -19.48 11.17
N ILE A 234 -9.89 -20.79 11.53
CA ILE A 234 -8.71 -21.56 11.90
C ILE A 234 -7.89 -21.83 10.63
N VAL A 235 -6.86 -21.00 10.44
CA VAL A 235 -5.90 -20.98 9.32
C VAL A 235 -5.11 -22.27 9.21
N GLN A 236 -4.70 -22.84 10.35
CA GLN A 236 -3.89 -24.06 10.35
C GLN A 236 -4.14 -24.96 11.54
N ASP A 237 -3.83 -26.26 11.34
CA ASP A 237 -3.86 -27.25 12.41
C ASP A 237 -2.75 -26.80 13.38
N GLY A 238 -3.13 -26.66 14.65
CA GLY A 238 -2.28 -26.19 15.74
C GLY A 238 -0.95 -26.90 15.89
N LEU A 239 0.07 -26.14 16.28
CA LEU A 239 1.41 -26.69 16.48
C LEU A 239 1.48 -27.41 17.85
N ARG A 240 1.97 -28.66 17.84
CA ARG A 240 2.08 -29.46 19.06
C ARG A 240 3.54 -29.89 19.31
N ILE A 241 4.24 -29.12 20.15
CA ILE A 241 5.65 -29.40 20.50
C ILE A 241 5.75 -30.43 21.63
N ASP A 242 6.51 -31.51 21.37
CA ASP A 242 6.74 -32.57 22.33
C ASP A 242 8.11 -32.35 22.97
N GLY A 243 8.13 -32.20 24.29
CA GLY A 243 9.35 -31.98 25.04
C GLY A 243 9.90 -30.57 24.90
N ASP A 244 11.24 -30.46 24.85
CA ASP A 244 12.01 -29.22 24.75
C ASP A 244 11.82 -28.53 23.39
N PRO A 245 11.22 -27.30 23.37
CA PRO A 245 11.00 -26.59 22.09
C PRO A 245 12.28 -26.18 21.37
N ARG A 246 13.39 -26.03 22.12
CA ARG A 246 14.71 -25.66 21.63
C ARG A 246 15.27 -26.69 20.64
N ALA A 247 14.82 -27.95 20.76
CA ALA A 247 15.21 -29.05 19.88
C ALA A 247 14.22 -29.18 18.69
N ALA A 248 13.13 -28.39 18.71
CA ALA A 248 12.09 -28.39 17.69
C ALA A 248 12.02 -27.09 16.87
N ARG A 249 13.10 -26.29 16.88
CA ARG A 249 13.24 -25.04 16.14
C ARG A 249 12.84 -25.17 14.66
N ASP A 250 13.21 -26.29 13.97
CA ASP A 250 12.88 -26.53 12.56
C ASP A 250 11.38 -26.71 12.38
N ASP A 251 10.74 -27.41 13.33
CA ASP A 251 9.29 -27.66 13.37
C ASP A 251 8.54 -26.36 13.66
N ILE A 252 9.06 -25.54 14.61
CA ILE A 252 8.47 -24.26 15.01
C ILE A 252 8.63 -23.21 13.90
N VAL A 253 9.82 -23.11 13.28
CA VAL A 253 10.01 -22.16 12.19
C VAL A 253 9.22 -22.59 10.96
N GLY A 254 9.21 -23.91 10.70
CA GLY A 254 8.50 -24.53 9.58
C GLY A 254 7.01 -24.24 9.61
N TRP A 255 6.41 -24.24 10.82
CA TRP A 255 5.01 -23.97 11.09
C TRP A 255 4.69 -22.47 10.88
N ALA A 256 5.59 -21.60 11.40
CA ALA A 256 5.51 -20.13 11.28
C ALA A 256 5.58 -19.71 9.82
N HIS A 257 6.25 -20.53 8.98
CA HIS A 257 6.36 -20.31 7.54
C HIS A 257 5.03 -20.56 6.87
N ASP A 258 4.29 -21.60 7.31
CA ASP A 258 2.99 -21.91 6.72
C ASP A 258 1.92 -20.93 7.23
N VAL A 259 2.07 -20.47 8.48
CA VAL A 259 1.17 -19.50 9.12
C VAL A 259 1.19 -18.16 8.39
N ARG A 260 2.40 -17.60 8.12
CA ARG A 260 2.60 -16.29 7.47
C ARG A 260 1.81 -16.14 6.14
N GLY A 261 1.56 -17.25 5.44
CA GLY A 261 0.78 -17.24 4.21
C GLY A 261 -0.71 -17.23 4.52
N ALA A 262 -1.16 -16.19 5.22
CA ALA A 262 -2.57 -16.00 5.63
C ALA A 262 -3.00 -14.68 5.01
N ILE A 263 -2.53 -13.58 5.59
CA ILE A 263 -2.76 -12.28 4.92
C ILE A 263 -1.66 -12.31 3.87
N PRO A 264 -1.95 -12.31 2.55
CA PRO A 264 -0.91 -12.47 1.54
C PRO A 264 0.21 -11.44 1.68
N ARG A 265 1.45 -11.91 1.59
CA ARG A 265 2.66 -11.07 1.71
C ARG A 265 3.16 -10.78 0.29
N PHE A 266 2.37 -11.19 -0.70
CA PHE A 266 2.75 -10.92 -2.08
C PHE A 266 1.56 -10.52 -2.94
N ILE A 267 1.78 -9.51 -3.78
CA ILE A 267 0.82 -9.03 -4.76
C ILE A 267 1.53 -9.19 -6.09
N SER A 268 0.94 -9.95 -7.00
CA SER A 268 1.51 -10.22 -8.31
C SER A 268 1.63 -8.92 -9.11
N PRO A 269 2.71 -8.75 -9.91
CA PRO A 269 2.82 -7.57 -10.77
C PRO A 269 1.55 -7.41 -11.62
N ALA A 270 1.00 -8.54 -12.10
CA ALA A 270 -0.22 -8.62 -12.90
C ALA A 270 -1.44 -8.06 -12.14
N SER A 271 -1.50 -8.31 -10.80
CA SER A 271 -2.57 -7.84 -9.92
C SER A 271 -2.39 -6.34 -9.61
N GLN A 272 -1.14 -5.86 -9.57
CA GLN A 272 -0.79 -4.47 -9.32
C GLN A 272 -1.26 -3.61 -10.49
N VAL A 273 -1.04 -4.08 -11.73
CA VAL A 273 -1.44 -3.38 -12.94
C VAL A 273 -2.96 -3.43 -13.10
N ALA A 274 -3.61 -4.49 -12.55
CA ALA A 274 -5.06 -4.63 -12.59
C ALA A 274 -5.73 -3.53 -11.76
N ILE A 275 -5.29 -3.32 -10.48
CA ILE A 275 -5.84 -2.30 -9.58
C ILE A 275 -5.62 -0.89 -10.16
N CYS A 276 -4.40 -0.65 -10.65
CA CYS A 276 -3.99 0.60 -11.25
C CYS A 276 -4.87 0.90 -12.44
N LEU A 277 -5.00 -0.08 -13.36
CA LEU A 277 -5.80 0.07 -14.57
C LEU A 277 -7.26 0.31 -14.28
N ALA A 278 -7.79 -0.30 -13.20
CA ALA A 278 -9.18 -0.07 -12.80
C ALA A 278 -9.36 1.40 -12.33
N LEU A 279 -8.44 1.89 -11.48
CA LEU A 279 -8.50 3.26 -10.99
C LEU A 279 -8.40 4.30 -12.13
N ILE A 280 -7.67 3.99 -13.23
CA ILE A 280 -7.55 4.85 -14.41
C ILE A 280 -8.90 4.80 -15.16
N SER A 281 -9.45 3.57 -15.36
CA SER A 281 -10.73 3.28 -16.03
C SER A 281 -11.92 4.09 -15.48
N GLY A 282 -11.90 4.34 -14.16
CA GLY A 282 -12.93 5.11 -13.46
C GLY A 282 -12.95 6.55 -13.90
N GLN A 283 -11.76 7.13 -14.14
CA GLN A 283 -11.64 8.51 -14.63
C GLN A 283 -12.04 8.57 -16.11
N LEU A 284 -11.58 7.60 -16.90
CA LEU A 284 -11.91 7.48 -18.32
C LEU A 284 -13.42 7.35 -18.54
N LEU A 285 -14.11 6.63 -17.65
CA LEU A 285 -15.56 6.52 -17.72
C LEU A 285 -16.23 7.88 -17.52
N ILE A 286 -15.69 8.71 -16.60
CA ILE A 286 -16.21 10.04 -16.32
C ILE A 286 -15.92 11.02 -17.48
N VAL A 287 -14.69 10.99 -18.00
CA VAL A 287 -14.25 11.88 -19.04
C VAL A 287 -14.87 11.54 -20.40
N VAL A 288 -15.13 10.26 -20.71
CA VAL A 288 -15.78 9.86 -21.96
C VAL A 288 -17.28 10.16 -21.84
N ALA A 289 -17.91 9.81 -20.69
CA ALA A 289 -19.33 10.05 -20.43
C ALA A 289 -19.74 11.50 -20.64
N TRP A 290 -18.84 12.46 -20.36
CA TRP A 290 -19.13 13.87 -20.54
C TRP A 290 -18.82 14.35 -21.96
N LEU A 291 -17.95 13.62 -22.71
CA LEU A 291 -17.64 13.94 -24.10
C LEU A 291 -18.80 13.50 -24.99
N VAL A 292 -19.53 12.46 -24.55
CA VAL A 292 -20.68 11.87 -25.23
C VAL A 292 -21.90 12.79 -25.07
N VAL A 293 -22.23 13.22 -23.84
CA VAL A 293 -23.38 14.11 -23.58
C VAL A 293 -23.12 15.52 -24.14
N GLU A 294 -21.92 16.10 -23.84
CA GLU A 294 -21.46 17.44 -24.22
C GLU A 294 -20.35 17.36 -25.27
N ALA A 295 -20.77 17.17 -26.55
CA ALA A 295 -19.90 17.06 -27.72
C ALA A 295 -18.84 18.14 -27.80
N PRO A 296 -17.56 17.79 -28.05
CA PRO A 296 -16.53 18.84 -28.14
C PRO A 296 -16.59 19.65 -29.44
N GLY A 297 -16.25 20.93 -29.33
CA GLY A 297 -16.23 21.86 -30.46
C GLY A 297 -15.65 23.23 -30.12
N THR A 298 -15.68 24.16 -31.09
CA THR A 298 -15.16 25.52 -30.93
C THR A 298 -16.26 26.56 -30.76
N ARG A 313 -12.72 29.59 -29.26
CA ARG A 313 -12.36 28.89 -28.01
C ARG A 313 -13.17 27.59 -27.79
N CYS A 314 -12.69 26.68 -26.91
CA CYS A 314 -13.37 25.40 -26.66
C CYS A 314 -14.75 25.56 -26.00
N ASN A 315 -15.78 24.91 -26.61
CA ASN A 315 -17.20 24.88 -26.22
C ASN A 315 -17.50 24.63 -24.74
N HIS A 316 -16.83 23.64 -24.10
CA HIS A 316 -17.12 23.32 -22.70
C HIS A 316 -15.93 23.55 -21.75
N ARG A 317 -15.74 24.83 -21.37
CA ARG A 317 -14.71 25.28 -20.44
C ARG A 317 -15.35 25.58 -19.06
N ASP A 318 -16.58 25.08 -18.85
CA ASP A 318 -17.40 25.28 -17.63
C ASP A 318 -17.17 24.21 -16.54
N ALA A 319 -18.17 23.32 -16.31
CA ALA A 319 -18.11 22.27 -15.31
C ALA A 319 -18.07 20.86 -15.95
N SER A 320 -17.37 20.74 -17.11
CA SER A 320 -17.18 19.48 -17.84
C SER A 320 -16.08 18.65 -17.17
N MET A 321 -15.12 19.33 -16.51
CA MET A 321 -13.99 18.70 -15.81
C MET A 321 -14.18 18.62 -14.30
N LEU A 322 -15.40 18.98 -13.80
CA LEU A 322 -15.73 18.96 -12.37
C LEU A 322 -15.71 17.54 -11.80
N GLY A 323 -16.35 16.60 -12.49
CA GLY A 323 -16.38 15.19 -12.10
C GLY A 323 -14.99 14.58 -12.17
N SER A 324 -14.27 14.92 -13.25
CA SER A 324 -12.89 14.52 -13.55
C SER A 324 -11.96 14.98 -12.40
N LEU A 325 -12.15 16.25 -11.94
CA LEU A 325 -11.42 16.89 -10.84
C LEU A 325 -11.73 16.20 -9.51
N ALA A 326 -13.03 15.90 -9.24
CA ALA A 326 -13.46 15.24 -8.00
C ALA A 326 -12.80 13.87 -7.86
N TYR A 327 -12.75 13.09 -8.95
CA TYR A 327 -12.12 11.77 -9.02
C TYR A 327 -10.63 11.83 -8.66
N ASN A 328 -9.91 12.83 -9.18
CA ASN A 328 -8.49 13.02 -8.92
C ASN A 328 -8.27 13.60 -7.51
N VAL A 329 -9.18 14.46 -7.01
CA VAL A 329 -9.13 14.95 -5.64
C VAL A 329 -9.30 13.74 -4.67
N LEU A 330 -10.19 12.80 -5.00
CA LEU A 330 -10.37 11.58 -4.19
C LEU A 330 -9.08 10.75 -4.18
N LEU A 331 -8.51 10.45 -5.39
CA LEU A 331 -7.28 9.66 -5.56
C LEU A 331 -6.14 10.23 -4.74
N ILE A 332 -5.83 11.54 -4.87
CA ILE A 332 -4.79 12.28 -4.13
C ILE A 332 -5.02 12.19 -2.62
N ALA A 333 -6.23 12.53 -2.14
CA ALA A 333 -6.58 12.50 -0.71
C ALA A 333 -6.33 11.09 -0.13
N LEU A 334 -6.81 10.04 -0.83
CA LEU A 334 -6.64 8.64 -0.47
C LEU A 334 -5.17 8.29 -0.41
N CYS A 335 -4.43 8.67 -1.46
CA CYS A 335 -3.00 8.42 -1.61
C CYS A 335 -2.15 9.08 -0.52
N THR A 336 -2.50 10.31 -0.10
CA THR A 336 -1.80 11.07 0.95
C THR A 336 -2.01 10.43 2.33
N LEU A 337 -3.24 9.93 2.60
CA LEU A 337 -3.69 9.27 3.83
C LEU A 337 -2.95 7.95 4.05
N TYR A 338 -2.81 7.17 2.98
CA TYR A 338 -2.11 5.89 2.92
C TYR A 338 -0.60 6.11 3.01
N ALA A 339 -0.08 7.12 2.29
CA ALA A 339 1.35 7.48 2.28
C ALA A 339 1.82 7.89 3.66
N PHE A 340 0.98 8.65 4.41
CA PHE A 340 1.29 9.08 5.77
C PHE A 340 1.27 7.89 6.73
N LYS A 341 0.35 6.95 6.51
CA LYS A 341 0.22 5.76 7.33
C LYS A 341 1.43 4.82 7.12
N THR A 342 1.93 4.73 5.86
CA THR A 342 3.04 3.85 5.46
C THR A 342 4.45 4.49 5.49
N ARG A 343 4.56 5.77 5.92
CA ARG A 343 5.80 6.59 5.97
C ARG A 343 7.04 5.94 6.62
N LYS A 344 6.85 5.14 7.70
CA LYS A 344 7.93 4.52 8.46
C LYS A 344 8.50 3.22 7.83
N CYS A 345 7.90 2.73 6.72
CA CYS A 345 8.36 1.52 6.04
C CYS A 345 9.71 1.73 5.33
N PRO A 346 10.75 0.90 5.68
CA PRO A 346 12.09 1.07 5.08
C PRO A 346 12.36 0.41 3.72
N GLU A 347 11.46 -0.49 3.27
CA GLU A 347 11.56 -1.26 2.03
C GLU A 347 11.87 -0.44 0.80
N ASN A 348 12.70 -1.00 -0.11
CA ASN A 348 13.13 -0.43 -1.38
C ASN A 348 13.70 0.98 -1.23
N PHE A 349 14.65 1.14 -0.29
CA PHE A 349 15.39 2.38 0.00
C PHE A 349 14.51 3.52 0.52
N ASN A 350 13.64 3.21 1.52
CA ASN A 350 12.68 4.12 2.15
C ASN A 350 11.75 4.81 1.12
N GLU A 351 11.26 4.04 0.13
CA GLU A 351 10.38 4.52 -0.95
C GLU A 351 9.11 5.19 -0.43
N ALA A 352 8.49 4.59 0.62
CA ALA A 352 7.28 5.06 1.28
C ALA A 352 7.39 6.52 1.77
N LYS A 353 8.61 6.94 2.19
CA LYS A 353 8.94 8.28 2.63
C LYS A 353 8.88 9.26 1.42
N PHE A 354 9.43 8.84 0.27
CA PHE A 354 9.45 9.64 -0.94
C PHE A 354 8.09 9.71 -1.63
N ILE A 355 7.27 8.63 -1.53
CA ILE A 355 5.88 8.62 -2.02
C ILE A 355 5.07 9.61 -1.15
N GLY A 356 5.39 9.64 0.15
CA GLY A 356 4.81 10.54 1.12
C GLY A 356 5.07 11.99 0.77
N PHE A 357 6.34 12.30 0.44
CA PHE A 357 6.80 13.64 0.08
C PHE A 357 6.19 14.15 -1.23
N THR A 358 6.07 13.27 -2.25
CA THR A 358 5.48 13.68 -3.53
C THR A 358 4.00 14.04 -3.30
N MET A 359 3.29 13.30 -2.42
CA MET A 359 1.87 13.56 -2.12
C MET A 359 1.63 14.83 -1.34
N TYR A 360 2.49 15.12 -0.33
CA TYR A 360 2.37 16.34 0.49
C TYR A 360 2.59 17.58 -0.37
N THR A 361 3.52 17.49 -1.34
CA THR A 361 3.85 18.58 -2.26
C THR A 361 2.69 18.79 -3.21
N THR A 362 2.08 17.66 -3.71
CA THR A 362 0.91 17.69 -4.59
C THR A 362 -0.23 18.45 -3.93
N CYS A 363 -0.53 18.17 -2.63
CA CYS A 363 -1.56 18.88 -1.86
C CYS A 363 -1.31 20.38 -1.82
N ILE A 364 -0.03 20.77 -1.55
CA ILE A 364 0.42 22.17 -1.53
C ILE A 364 0.18 22.82 -2.91
N ILE A 365 0.57 22.13 -4.01
CA ILE A 365 0.39 22.62 -5.39
C ILE A 365 -1.10 22.85 -5.68
N TRP A 366 -1.90 21.78 -5.62
CA TRP A 366 -3.34 21.75 -5.88
C TRP A 366 -4.12 22.76 -5.05
N LEU A 367 -3.82 22.88 -3.75
CA LEU A 367 -4.51 23.84 -2.91
C LEU A 367 -4.10 25.31 -3.20
N ALA A 368 -2.93 25.53 -3.82
CA ALA A 368 -2.45 26.87 -4.13
C ALA A 368 -2.93 27.34 -5.48
N PHE A 369 -3.01 26.43 -6.47
CA PHE A 369 -3.42 26.82 -7.82
C PHE A 369 -4.93 26.99 -7.96
N LEU A 370 -5.75 26.33 -7.08
CA LEU A 370 -7.22 26.47 -7.07
C LEU A 370 -7.64 27.97 -6.99
N PRO A 371 -7.13 28.80 -6.03
CA PRO A 371 -7.51 30.23 -6.05
C PRO A 371 -6.90 30.98 -7.24
N ILE A 372 -5.74 30.51 -7.76
CA ILE A 372 -5.05 31.15 -8.89
C ILE A 372 -5.90 31.03 -10.15
N PHE A 373 -6.50 29.85 -10.41
CA PHE A 373 -7.39 29.63 -11.56
C PHE A 373 -8.67 30.46 -11.43
N TYR A 374 -9.14 30.69 -10.19
CA TYR A 374 -10.33 31.50 -9.97
C TYR A 374 -10.10 32.99 -10.28
N VAL A 375 -9.00 33.56 -9.78
CA VAL A 375 -8.65 34.98 -9.97
C VAL A 375 -8.16 35.30 -11.41
N THR A 376 -7.55 34.32 -12.12
CA THR A 376 -7.05 34.50 -13.51
C THR A 376 -8.06 34.03 -14.59
N SER A 377 -9.33 33.80 -14.20
CA SER A 377 -10.40 33.36 -15.11
C SER A 377 -10.77 34.37 -16.20
N SER A 378 -10.55 35.69 -15.94
CA SER A 378 -10.84 36.80 -16.86
C SER A 378 -9.88 36.84 -18.06
N ASP A 379 -8.61 36.41 -17.85
CA ASP A 379 -7.61 36.40 -18.92
C ASP A 379 -7.24 34.98 -19.32
N TYR A 380 -7.73 34.55 -20.50
CA TYR A 380 -7.48 33.23 -21.05
C TYR A 380 -6.00 32.89 -21.14
N ARG A 381 -5.15 33.83 -21.62
CA ARG A 381 -3.71 33.58 -21.75
C ARG A 381 -3.04 33.30 -20.39
N VAL A 382 -3.35 34.11 -19.37
CA VAL A 382 -2.81 33.91 -18.02
C VAL A 382 -3.34 32.59 -17.46
N GLN A 383 -4.67 32.32 -17.63
CA GLN A 383 -5.39 31.11 -17.21
C GLN A 383 -4.73 29.85 -17.81
N THR A 384 -4.50 29.82 -19.13
CA THR A 384 -3.86 28.70 -19.83
C THR A 384 -2.40 28.56 -19.42
N THR A 385 -1.65 29.69 -19.29
CA THR A 385 -0.23 29.66 -18.89
C THR A 385 -0.08 29.01 -17.51
N THR A 386 -0.93 29.44 -16.54
CA THR A 386 -0.97 28.91 -15.17
C THR A 386 -1.25 27.41 -15.17
N MET A 387 -2.25 26.99 -15.98
CA MET A 387 -2.65 25.59 -16.15
C MET A 387 -1.45 24.77 -16.59
N CYS A 388 -0.70 25.27 -17.59
CA CYS A 388 0.47 24.62 -18.15
C CYS A 388 1.61 24.47 -17.13
N VAL A 389 1.95 25.58 -16.44
CA VAL A 389 2.98 25.66 -15.40
C VAL A 389 2.70 24.66 -14.26
N SER A 390 1.48 24.68 -13.73
CA SER A 390 1.03 23.84 -12.63
C SER A 390 0.96 22.35 -12.98
N VAL A 391 0.45 22.03 -14.20
CA VAL A 391 0.37 20.61 -14.64
C VAL A 391 1.80 20.07 -14.72
N SER A 392 2.74 20.90 -15.24
CA SER A 392 4.16 20.60 -15.36
C SER A 392 4.80 20.41 -14.00
N LEU A 393 4.51 21.34 -13.03
CA LEU A 393 5.02 21.33 -11.66
C LEU A 393 4.61 20.05 -10.94
N SER A 394 3.33 19.63 -11.13
CA SER A 394 2.74 18.41 -10.55
C SER A 394 3.54 17.20 -11.00
N GLY A 395 3.89 17.19 -12.29
CA GLY A 395 4.71 16.17 -12.90
C GLY A 395 6.15 16.25 -12.43
N SER A 396 6.65 17.47 -12.19
CA SER A 396 8.03 17.69 -11.71
C SER A 396 8.29 17.19 -10.29
N VAL A 397 7.29 17.24 -9.41
CA VAL A 397 7.50 16.80 -8.03
C VAL A 397 7.52 15.27 -7.96
N VAL A 398 6.99 14.58 -8.98
CA VAL A 398 7.03 13.12 -9.01
C VAL A 398 8.44 12.67 -9.40
N LEU A 399 9.03 13.36 -10.37
CA LEU A 399 10.39 13.10 -10.85
C LEU A 399 11.42 13.49 -9.78
N GLY A 400 11.28 14.71 -9.25
CA GLY A 400 12.17 15.26 -8.24
C GLY A 400 12.11 14.64 -6.87
N CYS A 401 10.95 14.06 -6.47
CA CYS A 401 10.81 13.48 -5.14
C CYS A 401 10.92 11.98 -5.10
N LEU A 402 10.35 11.28 -6.09
CA LEU A 402 10.37 9.84 -6.13
C LEU A 402 11.55 9.26 -6.91
N PHE A 403 11.75 9.73 -8.15
CA PHE A 403 12.77 9.20 -9.06
C PHE A 403 14.18 9.73 -8.84
N ALA A 404 14.36 11.02 -8.49
CA ALA A 404 15.71 11.60 -8.27
C ALA A 404 16.52 10.82 -7.22
N PRO A 405 15.95 10.45 -6.02
CA PRO A 405 16.72 9.65 -5.05
C PRO A 405 17.02 8.23 -5.55
N LYS A 406 16.14 7.71 -6.45
CA LYS A 406 16.28 6.37 -7.03
C LYS A 406 17.40 6.40 -8.05
N LEU A 407 17.45 7.47 -8.87
CA LEU A 407 18.43 7.72 -9.94
C LEU A 407 19.82 7.96 -9.35
N TYR A 408 19.88 8.55 -8.14
CA TYR A 408 21.14 8.83 -7.45
C TYR A 408 21.80 7.51 -7.08
N ILE A 409 21.03 6.54 -6.54
CA ILE A 409 21.55 5.21 -6.18
C ILE A 409 21.96 4.45 -7.44
N ILE A 410 21.10 4.46 -8.48
CA ILE A 410 21.42 3.77 -9.74
C ILE A 410 22.74 4.27 -10.35
N LEU A 411 22.80 5.58 -10.67
CA LEU A 411 23.92 6.21 -11.35
C LEU A 411 25.17 6.53 -10.51
N PHE A 412 25.04 6.93 -9.23
CA PHE A 412 26.24 7.28 -8.48
C PHE A 412 26.63 6.29 -7.40
N GLN A 413 25.69 5.43 -6.94
CA GLN A 413 26.01 4.44 -5.90
C GLN A 413 25.71 2.99 -6.38
N PRO A 414 26.37 2.49 -7.48
CA PRO A 414 26.01 1.16 -8.00
C PRO A 414 26.22 -0.01 -7.03
N GLN A 415 27.16 0.11 -6.08
CA GLN A 415 27.46 -0.86 -5.02
C GLN A 415 26.20 -1.13 -4.14
N LYS A 416 25.34 -0.11 -4.00
CA LYS A 416 24.09 -0.18 -3.27
C LYS A 416 22.99 -0.80 -4.14
N ASN A 417 23.21 -0.89 -5.47
CA ASN A 417 22.24 -1.48 -6.40
C ASN A 417 22.72 -2.85 -6.99
N VAL A 418 22.95 -3.83 -6.09
CA VAL A 418 23.42 -5.18 -6.42
C VAL A 418 23.01 -6.17 -5.33
N1 FMN B . 1.50 -32.52 28.48
C2 FMN B . 0.53 -33.08 27.69
O2 FMN B . 0.76 -33.31 26.50
N3 FMN B . -0.69 -33.46 28.24
C4 FMN B . -1.05 -33.37 29.57
O4 FMN B . -2.12 -33.84 29.97
C4A FMN B . -0.02 -32.79 30.42
N5 FMN B . -0.24 -32.72 31.70
C5A FMN B . 0.80 -32.30 32.53
C6 FMN B . 0.61 -32.32 33.91
C7 FMN B . 1.64 -31.99 34.79
C7M FMN B . 1.41 -32.11 36.27
C8 FMN B . 2.90 -31.61 34.27
C8M FMN B . 4.06 -31.30 35.17
C9 FMN B . 3.08 -31.56 32.89
C9A FMN B . 2.05 -31.91 32.01
N10 FMN B . 2.23 -31.93 30.60
C10 FMN B . 1.23 -32.39 29.78
C1' FMN B . 3.49 -31.47 29.98
C2' FMN B . 3.71 -29.97 29.99
O2' FMN B . 2.71 -29.30 29.21
C3' FMN B . 5.14 -29.67 29.51
O3' FMN B . 6.00 -29.83 30.62
C4' FMN B . 5.41 -28.32 28.83
O4' FMN B . 6.63 -28.39 28.08
C5' FMN B . 5.41 -27.13 29.77
O5' FMN B . 5.35 -25.94 28.95
P FMN B . 5.24 -24.47 29.62
O1P FMN B . 4.21 -24.44 30.69
O2P FMN B . 6.64 -24.13 30.12
O3P FMN B . 4.97 -23.53 28.49
N1 J9U C . -9.52 16.77 -14.27
N3 J9U C . -12.00 22.40 -18.98
C4 J9U C . -8.65 17.23 -13.31
C5 J9U C . -7.12 19.14 -12.86
C6 J9U C . -6.85 20.50 -12.88
C7 J9U C . -5.59 20.91 -12.25
C8 J9U C . -5.46 20.77 -10.85
C10 J9U C . -3.22 21.68 -11.02
C13 J9U C . -7.80 21.42 -13.44
C15 J9U C . -8.78 23.74 -14.02
C17 J9U C . -11.34 23.29 -16.94
C20 J9U C . -9.55 22.77 -18.77
N J9U C . -9.29 19.49 -13.92
C J9U C . -11.32 21.78 -13.62
O J9U C . -8.14 16.50 -12.47
C1 J9U C . -10.13 21.67 -14.63
C11 J9U C . -3.32 21.84 -12.41
C12 J9U C . -4.52 21.46 -13.01
C14 J9U C . -7.56 22.92 -13.47
C16 J9U C . -10.45 23.94 -15.89
C18 J9U C . -12.74 23.09 -16.91
C19 J9U C . -13.10 22.56 -18.18
C2 J9U C . -9.02 20.83 -13.96
C3 J9U C . -8.34 18.69 -13.37
C9 J9U C . -4.26 21.16 -10.23
F J9U C . -2.11 22.06 -10.45
F1 J9U C . -4.64 21.70 -14.32
N2 J9U C . -9.58 23.01 -15.08
N4 J9U C . -10.92 22.84 -18.23
#